data_3TC3
#
_entry.id   3TC3
#
_cell.length_a   42.075
_cell.length_b   53.585
_cell.length_c   77.395
_cell.angle_alpha   102.10
_cell.angle_beta   93.02
_cell.angle_gamma   111.77
#
_symmetry.space_group_name_H-M   'P 1'
#
loop_
_entity.id
_entity.type
_entity.pdbx_description
1 polymer 'UV damage endonuclease'
2 non-polymer 'MANGANESE (II) ION'
3 water water
#
_entity_poly.entity_id   1
_entity_poly.type   'polypeptide(L)'
_entity_poly.pdbx_seq_one_letter_code
;MGHHHHHHHHHHSSGHIEGRHMRVGYVSTNYSLGCKADKTIKLSSLSEERVLKVSSSNLLCLKNILEWNLKHEILFFRIS
SNTIPLASHPKFHVNWKDKLSHILGDIGDFIKENSIRISMHPGQYVVLNSVREEVVRSSIMELKYHADLLDSMGIEGKIQ
IHVGSSMNGKEESLNRFIENFRKLPSNISKRLVIENDDKVFSVKDCLWISERTGIPVIFDNLHHSILNNGESLNDALSLV
RRTWKDRPMIDYSEQEPGEKPGVHATTINEENFRRFVNEVDEVDIMLEVKDKEISALKAVKVLKELNKLD
;
_entity_poly.pdbx_strand_id   A,B
#
# COMPACT_ATOMS: atom_id res chain seq x y z
N HIS A 21 2.68 1.53 18.50
CA HIS A 21 2.99 0.99 17.15
C HIS A 21 2.64 -0.50 17.08
N MET A 22 1.55 -0.85 17.73
CA MET A 22 1.02 -2.24 17.67
C MET A 22 -0.43 -2.25 17.20
N ARG A 23 -0.79 -3.16 16.28
CA ARG A 23 -2.19 -3.37 15.89
C ARG A 23 -2.66 -4.61 16.62
N VAL A 24 -3.92 -4.62 17.01
CA VAL A 24 -4.53 -5.80 17.60
C VAL A 24 -5.49 -6.47 16.63
N GLY A 25 -5.47 -7.83 16.60
CA GLY A 25 -6.48 -8.60 15.86
C GLY A 25 -7.12 -9.70 16.62
N TYR A 26 -8.20 -10.20 15.99
CA TYR A 26 -8.81 -11.47 16.48
C TYR A 26 -9.18 -12.32 15.27
N VAL A 27 -9.74 -13.50 15.54
CA VAL A 27 -9.78 -14.56 14.48
C VAL A 27 -11.21 -14.88 14.06
N SER A 28 -11.47 -14.85 12.74
CA SER A 28 -12.61 -15.53 12.01
C SER A 28 -13.98 -14.89 12.11
N THR A 29 -14.42 -14.58 13.32
CA THR A 29 -15.82 -14.08 13.45
C THR A 29 -15.93 -13.34 14.77
N ASN A 30 -17.04 -12.62 14.91
CA ASN A 30 -17.24 -11.74 16.05
C ASN A 30 -18.57 -12.21 16.65
N TYR A 31 -18.55 -12.65 17.90
CA TYR A 31 -19.76 -13.27 18.47
C TYR A 31 -20.74 -12.19 18.92
N SER A 32 -20.24 -11.04 19.31
CA SER A 32 -21.06 -9.90 19.91
C SER A 32 -21.88 -9.29 18.81
N LEU A 33 -21.27 -9.09 17.65
CA LEU A 33 -21.99 -8.50 16.51
C LEU A 33 -23.14 -9.37 15.98
N GLY A 34 -23.05 -10.70 16.08
CA GLY A 34 -24.14 -11.54 15.69
C GLY A 34 -24.31 -11.79 14.16
N CYS A 35 -23.30 -11.31 13.39
CA CYS A 35 -23.14 -11.62 11.89
C CYS A 35 -22.08 -12.73 11.75
N LYS A 36 -22.50 -13.96 11.62
CA LYS A 36 -21.48 -15.02 11.50
C LYS A 36 -20.74 -15.05 10.14
N ALA A 37 -19.41 -14.93 10.22
CA ALA A 37 -18.61 -14.81 9.01
C ALA A 37 -17.91 -16.14 8.63
N ASP A 38 -18.08 -17.18 9.46
CA ASP A 38 -17.28 -18.43 9.37
C ASP A 38 -18.17 -19.67 9.17
N LYS A 39 -19.30 -19.47 8.50
CA LYS A 39 -20.27 -20.58 8.33
C LYS A 39 -19.73 -21.48 7.20
N THR A 40 -19.94 -22.81 7.34
CA THR A 40 -19.51 -23.69 6.25
C THR A 40 -20.65 -24.65 6.02
N ILE A 41 -20.47 -25.44 4.97
CA ILE A 41 -21.51 -26.41 4.63
C ILE A 41 -20.88 -27.80 4.51
N LYS A 42 -21.74 -28.82 4.73
CA LYS A 42 -21.28 -30.22 4.61
C LYS A 42 -21.07 -30.61 3.16
N LEU A 43 -20.13 -31.49 2.94
CA LEU A 43 -19.91 -31.99 1.56
C LEU A 43 -21.24 -32.41 0.90
N SER A 44 -22.06 -33.07 1.69
CA SER A 44 -23.34 -33.58 1.21
C SER A 44 -24.33 -32.49 0.74
N SER A 45 -24.07 -31.22 1.12
CA SER A 45 -24.84 -30.04 0.76
C SER A 45 -24.25 -29.24 -0.38
N LEU A 46 -23.15 -29.72 -0.96
CA LEU A 46 -22.49 -28.95 -2.02
C LEU A 46 -23.42 -28.65 -3.19
N SER A 47 -23.64 -27.37 -3.49
CA SER A 47 -24.21 -27.02 -4.82
C SER A 47 -23.78 -25.59 -5.06
N GLU A 48 -23.81 -25.19 -6.31
CA GLU A 48 -23.58 -23.82 -6.59
C GLU A 48 -24.43 -22.83 -5.82
N GLU A 49 -25.75 -22.96 -5.89
CA GLU A 49 -26.59 -22.08 -5.15
C GLU A 49 -26.23 -21.99 -3.69
N ARG A 50 -26.07 -23.12 -2.99
CA ARG A 50 -25.73 -23.07 -1.54
C ARG A 50 -24.34 -22.44 -1.29
N VAL A 51 -23.36 -22.75 -2.12
CA VAL A 51 -22.04 -22.10 -1.94
C VAL A 51 -22.18 -20.61 -2.09
N LEU A 52 -22.89 -20.12 -3.10
CA LEU A 52 -23.03 -18.67 -3.30
C LEU A 52 -23.81 -18.03 -2.15
N LYS A 53 -24.83 -18.71 -1.65
CA LYS A 53 -25.62 -18.20 -0.56
C LYS A 53 -24.79 -18.09 0.70
N VAL A 54 -24.03 -19.12 1.05
CA VAL A 54 -23.29 -19.03 2.32
C VAL A 54 -22.06 -18.15 2.14
N SER A 55 -21.42 -18.17 0.95
CA SER A 55 -20.32 -17.20 0.70
C SER A 55 -20.80 -15.75 0.80
N SER A 56 -21.94 -15.42 0.14
CA SER A 56 -22.45 -14.09 0.26
C SER A 56 -22.74 -13.72 1.71
N SER A 57 -23.34 -14.60 2.50
CA SER A 57 -23.69 -14.17 3.84
C SER A 57 -22.40 -14.04 4.64
N ASN A 58 -21.46 -14.94 4.42
CA ASN A 58 -20.19 -14.79 5.15
C ASN A 58 -19.52 -13.46 4.83
N LEU A 59 -19.50 -13.11 3.56
CA LEU A 59 -18.78 -11.96 3.13
C LEU A 59 -19.49 -10.69 3.64
N LEU A 60 -20.83 -10.64 3.57
CA LEU A 60 -21.60 -9.53 4.20
CA LEU A 60 -21.49 -9.48 4.14
C LEU A 60 -21.19 -9.29 5.65
N CYS A 61 -21.13 -10.39 6.42
CA CYS A 61 -20.76 -10.36 7.82
C CYS A 61 -19.32 -9.95 7.96
N LEU A 62 -18.44 -10.48 7.08
CA LEU A 62 -17.02 -9.98 7.11
C LEU A 62 -16.92 -8.49 6.92
N LYS A 63 -17.70 -7.89 5.98
CA LYS A 63 -17.64 -6.46 5.80
C LYS A 63 -18.13 -5.78 7.07
N ASN A 64 -19.19 -6.29 7.65
CA ASN A 64 -19.71 -5.70 8.90
C ASN A 64 -18.70 -5.78 10.05
N ILE A 65 -18.01 -6.94 10.16
CA ILE A 65 -16.98 -7.05 11.13
C ILE A 65 -15.83 -6.06 10.95
N LEU A 66 -15.38 -5.87 9.69
CA LEU A 66 -14.24 -5.02 9.47
C LEU A 66 -14.67 -3.57 9.81
N GLU A 67 -15.89 -3.20 9.49
CA GLU A 67 -16.41 -1.88 9.90
C GLU A 67 -16.42 -1.67 11.39
N TRP A 68 -16.94 -2.69 12.12
CA TRP A 68 -16.98 -2.66 13.57
C TRP A 68 -15.58 -2.60 14.11
N ASN A 69 -14.69 -3.40 13.50
CA ASN A 69 -13.31 -3.38 14.03
C ASN A 69 -12.63 -2.05 13.89
N LEU A 70 -12.80 -1.36 12.76
CA LEU A 70 -12.19 -0.06 12.58
C LEU A 70 -12.67 0.90 13.65
N LYS A 71 -13.96 0.90 13.91
CA LYS A 71 -14.55 1.84 14.93
C LYS A 71 -14.03 1.51 16.32
N HIS A 72 -13.75 0.21 16.59
CA HIS A 72 -13.18 -0.23 17.88
C HIS A 72 -11.65 -0.31 17.92
N GLU A 73 -10.99 0.25 16.92
CA GLU A 73 -9.51 0.43 16.91
C GLU A 73 -8.78 -0.94 16.82
N ILE A 74 -9.40 -1.86 16.10
CA ILE A 74 -8.86 -3.23 15.89
C ILE A 74 -8.48 -3.33 14.40
N LEU A 75 -7.19 -3.23 14.09
CA LEU A 75 -6.71 -2.98 12.71
C LEU A 75 -6.02 -4.20 12.10
N PHE A 76 -6.21 -5.37 12.74
CA PHE A 76 -5.64 -6.66 12.22
C PHE A 76 -6.83 -7.66 12.30
N PHE A 77 -6.92 -8.57 11.33
CA PHE A 77 -7.97 -9.60 11.36
C PHE A 77 -7.49 -10.84 10.66
N ARG A 78 -7.93 -11.98 11.16
CA ARG A 78 -7.65 -13.30 10.53
C ARG A 78 -8.93 -13.75 9.84
N ILE A 79 -8.98 -13.65 8.52
CA ILE A 79 -10.22 -14.05 7.77
C ILE A 79 -10.41 -15.55 7.83
N SER A 80 -11.66 -15.94 8.09
CA SER A 80 -11.96 -17.35 8.20
C SER A 80 -11.70 -18.14 6.90
N SER A 81 -11.13 -19.31 7.02
CA SER A 81 -10.95 -20.25 5.85
C SER A 81 -12.28 -20.76 5.36
N ASN A 82 -13.34 -20.61 6.17
CA ASN A 82 -14.67 -21.08 5.67
C ASN A 82 -15.33 -20.06 4.80
N THR A 83 -14.71 -18.90 4.52
CA THR A 83 -15.38 -17.78 3.82
C THR A 83 -16.10 -18.30 2.57
N ILE A 84 -15.37 -19.01 1.71
CA ILE A 84 -16.06 -19.69 0.56
C ILE A 84 -16.09 -21.22 0.91
N PRO A 85 -17.22 -21.76 1.38
CA PRO A 85 -17.21 -23.13 1.83
C PRO A 85 -16.80 -24.19 0.84
N LEU A 86 -15.94 -25.15 1.22
CA LEU A 86 -15.53 -26.26 0.35
C LEU A 86 -14.80 -25.84 -0.93
N ALA A 87 -14.25 -24.61 -0.93
CA ALA A 87 -13.61 -24.08 -2.15
C ALA A 87 -12.49 -24.91 -2.75
N SER A 88 -11.75 -25.65 -1.93
CA SER A 88 -10.64 -26.43 -2.57
C SER A 88 -10.98 -27.89 -2.78
N HIS A 89 -12.20 -28.31 -2.42
CA HIS A 89 -12.60 -29.68 -2.64
C HIS A 89 -12.62 -30.02 -4.13
N PRO A 90 -12.11 -31.20 -4.49
CA PRO A 90 -12.15 -31.66 -5.89
C PRO A 90 -13.47 -31.54 -6.64
N LYS A 91 -14.60 -31.75 -5.97
CA LYS A 91 -15.91 -31.62 -6.58
C LYS A 91 -16.44 -30.18 -6.64
N PHE A 92 -15.68 -29.21 -6.15
CA PHE A 92 -16.15 -27.85 -6.13
C PHE A 92 -15.72 -27.16 -7.45
N HIS A 93 -16.70 -26.58 -8.17
CA HIS A 93 -16.38 -25.87 -9.38
C HIS A 93 -17.16 -24.62 -9.56
N VAL A 94 -17.34 -23.84 -8.50
CA VAL A 94 -18.18 -22.66 -8.51
C VAL A 94 -17.31 -21.45 -8.90
N ASN A 95 -17.79 -20.63 -9.83
CA ASN A 95 -17.01 -19.46 -10.19
C ASN A 95 -17.31 -18.28 -9.27
N TRP A 96 -16.86 -18.42 -8.03
CA TRP A 96 -17.15 -17.37 -7.03
C TRP A 96 -16.34 -16.13 -7.29
N LYS A 97 -15.18 -16.25 -7.94
CA LYS A 97 -14.30 -15.06 -8.16
C LYS A 97 -15.03 -14.06 -9.04
N ASP A 98 -15.71 -14.56 -10.08
CA ASP A 98 -16.58 -13.68 -10.86
C ASP A 98 -17.88 -13.34 -10.25
N LYS A 99 -18.61 -14.33 -9.77
CA LYS A 99 -19.95 -14.08 -9.29
C LYS A 99 -20.04 -13.11 -8.09
N LEU A 100 -19.02 -13.17 -7.21
CA LEU A 100 -18.95 -12.33 -6.03
C LEU A 100 -17.87 -11.21 -6.13
N SER A 101 -17.42 -10.87 -7.35
CA SER A 101 -16.31 -9.92 -7.57
C SER A 101 -16.65 -8.60 -6.89
N HIS A 102 -17.92 -8.20 -6.93
CA HIS A 102 -18.42 -6.96 -6.33
CA HIS A 102 -18.25 -6.90 -6.37
C HIS A 102 -18.06 -6.79 -4.87
N ILE A 103 -18.63 -7.71 -4.07
CA ILE A 103 -18.48 -7.70 -2.62
C ILE A 103 -17.00 -7.95 -2.28
N LEU A 104 -16.33 -8.86 -3.02
CA LEU A 104 -14.88 -9.11 -2.78
C LEU A 104 -14.00 -7.87 -2.97
N GLY A 105 -14.19 -7.17 -4.09
CA GLY A 105 -13.50 -5.91 -4.32
C GLY A 105 -13.81 -4.85 -3.26
N ASP A 106 -15.07 -4.79 -2.80
CA ASP A 106 -15.54 -3.79 -1.83
C ASP A 106 -14.82 -4.00 -0.48
N ILE A 107 -14.71 -5.29 -0.07
CA ILE A 107 -14.09 -5.64 1.20
C ILE A 107 -12.61 -5.30 1.07
N GLY A 108 -11.98 -5.70 -0.04
CA GLY A 108 -10.59 -5.35 -0.21
C GLY A 108 -10.32 -3.83 -0.22
N ASP A 109 -11.19 -3.07 -0.88
CA ASP A 109 -11.03 -1.60 -0.83
C ASP A 109 -11.08 -1.07 0.55
N PHE A 110 -11.98 -1.62 1.38
CA PHE A 110 -12.13 -1.14 2.73
C PHE A 110 -10.87 -1.47 3.53
N ILE A 111 -10.31 -2.66 3.28
CA ILE A 111 -9.09 -3.01 3.97
C ILE A 111 -7.89 -2.12 3.63
N LYS A 112 -7.73 -1.84 2.35
CA LYS A 112 -6.59 -1.03 1.88
C LYS A 112 -6.81 0.43 2.27
N GLU A 113 -8.06 0.90 2.22
CA GLU A 113 -8.37 2.30 2.60
C GLU A 113 -8.10 2.61 4.07
N ASN A 114 -8.21 1.58 4.93
CA ASN A 114 -8.18 1.78 6.36
C ASN A 114 -6.98 1.09 7.06
N SER A 115 -5.98 0.72 6.26
CA SER A 115 -4.71 0.13 6.75
C SER A 115 -5.01 -1.09 7.65
N ILE A 116 -5.90 -1.95 7.19
CA ILE A 116 -6.19 -3.14 8.01
C ILE A 116 -5.23 -4.25 7.56
N ARG A 117 -4.62 -4.93 8.49
CA ARG A 117 -3.67 -6.04 8.13
C ARG A 117 -4.46 -7.31 8.16
N ILE A 118 -4.13 -8.23 7.26
CA ILE A 118 -4.93 -9.49 7.13
C ILE A 118 -4.02 -10.73 7.18
N SER A 119 -4.47 -11.74 7.89
CA SER A 119 -3.83 -13.04 7.83
C SER A 119 -4.94 -14.10 7.62
N MET A 120 -4.52 -15.31 7.21
CA MET A 120 -5.42 -16.46 7.17
C MET A 120 -4.58 -17.62 7.65
N HIS A 121 -5.28 -18.64 8.22
CA HIS A 121 -4.57 -19.88 8.68
CA HIS A 121 -4.60 -19.87 8.67
C HIS A 121 -5.43 -21.04 8.22
N PRO A 122 -4.97 -21.75 7.22
CA PRO A 122 -5.74 -22.91 6.73
C PRO A 122 -5.90 -24.05 7.72
N GLY A 123 -5.01 -24.13 8.70
CA GLY A 123 -5.09 -25.20 9.77
C GLY A 123 -4.55 -26.56 9.39
N GLN A 124 -4.83 -27.55 10.25
CA GLN A 124 -4.11 -28.80 10.31
C GLN A 124 -4.19 -29.63 9.08
N TYR A 125 -5.20 -29.48 8.21
CA TYR A 125 -5.10 -30.35 7.06
C TYR A 125 -4.16 -29.88 5.94
N VAL A 126 -3.62 -28.69 6.06
CA VAL A 126 -2.51 -28.35 5.15
C VAL A 126 -1.21 -28.92 5.76
N VAL A 127 -0.65 -29.86 5.00
CA VAL A 127 0.62 -30.51 5.45
C VAL A 127 1.56 -30.46 4.25
N LEU A 128 2.23 -29.30 4.12
CA LEU A 128 2.95 -29.02 2.85
C LEU A 128 4.11 -29.99 2.72
N ASN A 129 4.63 -30.49 3.85
CA ASN A 129 5.79 -31.39 3.81
C ASN A 129 5.38 -32.84 4.01
N SER A 130 4.14 -33.19 3.74
CA SER A 130 3.77 -34.63 3.85
C SER A 130 4.60 -35.54 2.97
N VAL A 131 4.82 -36.76 3.43
CA VAL A 131 5.43 -37.77 2.55
C VAL A 131 4.45 -38.36 1.52
N ARG A 132 3.17 -38.05 1.66
CA ARG A 132 2.14 -38.60 0.80
C ARG A 132 1.83 -37.61 -0.30
N GLU A 133 2.06 -38.03 -1.54
CA GLU A 133 1.86 -37.09 -2.66
C GLU A 133 0.44 -36.53 -2.71
N GLU A 134 -0.58 -37.33 -2.41
CA GLU A 134 -1.93 -36.84 -2.54
C GLU A 134 -2.20 -35.81 -1.44
N VAL A 135 -1.52 -35.92 -0.28
CA VAL A 135 -1.75 -34.96 0.83
C VAL A 135 -1.08 -33.62 0.47
N VAL A 136 0.09 -33.68 -0.17
CA VAL A 136 0.77 -32.47 -0.68
C VAL A 136 -0.15 -31.80 -1.71
N ARG A 137 -0.69 -32.58 -2.64
CA ARG A 137 -1.55 -32.06 -3.63
C ARG A 137 -2.78 -31.36 -3.02
N SER A 138 -3.48 -32.01 -2.11
CA SER A 138 -4.69 -31.39 -1.60
C SER A 138 -4.32 -30.17 -0.74
N SER A 139 -3.15 -30.25 -0.08
CA SER A 139 -2.72 -29.11 0.73
C SER A 139 -2.46 -27.87 -0.16
N ILE A 140 -1.82 -28.08 -1.33
CA ILE A 140 -1.59 -26.97 -2.28
C ILE A 140 -2.90 -26.44 -2.82
N MET A 141 -3.87 -27.31 -3.10
CA MET A 141 -5.24 -26.87 -3.48
C MET A 141 -5.84 -25.95 -2.43
N GLU A 142 -5.69 -26.32 -1.15
CA GLU A 142 -6.25 -25.45 -0.09
C GLU A 142 -5.50 -24.10 -0.06
N LEU A 143 -4.18 -24.18 -0.19
CA LEU A 143 -3.37 -22.92 -0.26
C LEU A 143 -3.72 -22.05 -1.46
N LYS A 144 -3.99 -22.69 -2.61
CA LYS A 144 -4.39 -21.94 -3.82
C LYS A 144 -5.73 -21.23 -3.59
N TYR A 145 -6.69 -21.86 -2.88
CA TYR A 145 -7.93 -21.13 -2.56
C TYR A 145 -7.69 -19.90 -1.67
N HIS A 146 -6.78 -20.05 -0.70
CA HIS A 146 -6.49 -18.89 0.15
C HIS A 146 -5.88 -17.74 -0.61
N ALA A 147 -4.92 -18.08 -1.51
CA ALA A 147 -4.29 -17.02 -2.36
C ALA A 147 -5.36 -16.48 -3.28
N ASP A 148 -6.18 -17.33 -3.86
CA ASP A 148 -7.24 -16.79 -4.75
C ASP A 148 -8.16 -15.81 -3.99
N LEU A 149 -8.53 -16.19 -2.74
CA LEU A 149 -9.46 -15.32 -1.99
C LEU A 149 -8.84 -13.93 -1.78
N LEU A 150 -7.62 -13.90 -1.32
CA LEU A 150 -6.87 -12.65 -1.10
C LEU A 150 -6.67 -11.90 -2.45
N ASP A 151 -6.37 -12.65 -3.53
CA ASP A 151 -6.25 -12.00 -4.83
C ASP A 151 -7.56 -11.37 -5.24
N SER A 152 -8.69 -12.00 -4.98
CA SER A 152 -9.99 -11.51 -5.43
C SER A 152 -10.36 -10.26 -4.69
N MET A 153 -9.83 -10.06 -3.48
CA MET A 153 -10.03 -8.83 -2.71
C MET A 153 -9.05 -7.73 -3.15
N GLY A 154 -8.05 -8.06 -3.96
CA GLY A 154 -7.03 -7.09 -4.36
C GLY A 154 -6.11 -6.68 -3.21
N ILE A 155 -5.89 -7.58 -2.25
CA ILE A 155 -4.98 -7.30 -1.18
C ILE A 155 -3.84 -8.31 -1.08
N GLU A 156 -2.87 -7.97 -0.24
CA GLU A 156 -1.74 -8.91 -0.06
C GLU A 156 -2.09 -9.92 1.04
N GLY A 157 -1.73 -9.62 2.29
CA GLY A 157 -2.13 -10.56 3.37
C GLY A 157 -1.13 -11.67 3.45
N LYS A 158 -1.17 -12.36 4.55
CA LYS A 158 -0.32 -13.55 4.78
C LYS A 158 -1.14 -14.81 4.98
N ILE A 159 -0.57 -15.93 4.59
CA ILE A 159 -1.20 -17.26 4.79
C ILE A 159 -0.24 -17.97 5.65
N GLN A 160 -0.67 -18.27 6.89
CA GLN A 160 0.25 -18.85 7.90
C GLN A 160 -0.04 -20.35 7.98
N ILE A 161 1.06 -21.10 8.01
CA ILE A 161 0.94 -22.54 8.24
C ILE A 161 2.00 -23.09 9.22
N HIS A 162 1.71 -24.24 9.84
CA HIS A 162 2.76 -24.97 10.56
C HIS A 162 3.63 -25.70 9.58
N VAL A 163 4.80 -26.17 10.05
CA VAL A 163 5.71 -26.88 9.19
C VAL A 163 5.04 -28.18 8.69
N GLY A 164 4.33 -28.81 9.61
CA GLY A 164 3.57 -29.95 9.19
C GLY A 164 3.97 -31.24 9.91
N SER A 165 4.31 -32.25 9.11
CA SER A 165 4.64 -33.60 9.57
C SER A 165 6.07 -33.72 10.07
N SER A 166 6.34 -34.70 10.97
CA SER A 166 7.72 -35.02 11.33
C SER A 166 8.06 -36.46 10.92
N MET A 167 7.32 -37.04 9.99
CA MET A 167 7.64 -38.41 9.49
C MET A 167 9.09 -38.48 8.98
N ASN A 168 9.77 -39.61 9.28
CA ASN A 168 11.19 -39.84 8.93
C ASN A 168 12.14 -38.92 9.69
N GLY A 169 11.62 -38.20 10.68
CA GLY A 169 12.45 -37.39 11.58
C GLY A 169 12.47 -35.90 11.17
N LYS A 170 12.99 -35.09 12.08
CA LYS A 170 12.95 -33.63 11.89
C LYS A 170 13.73 -33.13 10.72
N GLU A 171 15.00 -33.53 10.56
CA GLU A 171 15.80 -32.97 9.46
C GLU A 171 15.22 -33.29 8.07
N GLU A 172 14.78 -34.53 7.86
CA GLU A 172 14.13 -34.94 6.57
C GLU A 172 12.87 -34.12 6.35
N SER A 173 12.19 -33.92 7.46
CA SER A 173 10.87 -33.19 7.40
C SER A 173 11.07 -31.73 7.07
N LEU A 174 12.14 -31.11 7.59
CA LEU A 174 12.46 -29.71 7.20
C LEU A 174 12.85 -29.60 5.70
N ASN A 175 13.65 -30.57 5.22
CA ASN A 175 14.05 -30.50 3.84
C ASN A 175 12.88 -30.82 2.90
N ARG A 176 11.97 -31.69 3.31
CA ARG A 176 10.75 -31.94 2.48
C ARG A 176 9.90 -30.64 2.46
N PHE A 177 9.87 -29.91 3.57
CA PHE A 177 9.08 -28.67 3.50
C PHE A 177 9.66 -27.72 2.48
N ILE A 178 10.97 -27.50 2.59
CA ILE A 178 11.67 -26.57 1.67
C ILE A 178 11.52 -27.02 0.17
N GLU A 179 11.65 -28.34 -0.07
CA GLU A 179 11.50 -28.84 -1.45
C GLU A 179 10.12 -28.52 -2.01
N ASN A 180 9.08 -28.80 -1.19
CA ASN A 180 7.73 -28.64 -1.73
C ASN A 180 7.34 -27.16 -1.77
N PHE A 181 7.87 -26.35 -0.80
CA PHE A 181 7.67 -24.93 -0.87
C PHE A 181 8.15 -24.33 -2.21
N ARG A 182 9.29 -24.86 -2.66
CA ARG A 182 9.94 -24.31 -3.86
C ARG A 182 9.17 -24.68 -5.15
N LYS A 183 8.21 -25.57 -5.05
CA LYS A 183 7.33 -25.90 -6.19
C LYS A 183 6.05 -25.05 -6.21
N LEU A 184 5.78 -24.31 -5.17
CA LEU A 184 4.55 -23.49 -5.18
C LEU A 184 4.51 -22.37 -6.21
N PRO A 185 3.33 -22.04 -6.72
CA PRO A 185 3.21 -20.82 -7.52
C PRO A 185 3.41 -19.59 -6.68
N SER A 186 3.92 -18.53 -7.28
CA SER A 186 4.23 -17.29 -6.65
C SER A 186 3.11 -16.67 -5.86
N ASN A 187 1.84 -16.78 -6.32
CA ASN A 187 0.76 -16.09 -5.56
C ASN A 187 0.52 -16.72 -4.21
N ILE A 188 1.00 -17.97 -4.05
CA ILE A 188 0.93 -18.59 -2.73
C ILE A 188 2.25 -18.33 -2.01
N SER A 189 3.34 -18.66 -2.70
CA SER A 189 4.65 -18.60 -1.99
C SER A 189 4.94 -17.17 -1.43
N LYS A 190 4.61 -16.10 -2.15
CA LYS A 190 4.87 -14.75 -1.70
C LYS A 190 4.13 -14.38 -0.42
N ARG A 191 3.04 -15.11 -0.15
CA ARG A 191 2.17 -14.78 0.97
C ARG A 191 2.46 -15.71 2.14
N LEU A 192 3.28 -16.75 1.94
CA LEU A 192 3.31 -17.80 3.00
C LEU A 192 4.21 -17.38 4.17
N VAL A 193 3.71 -17.70 5.39
CA VAL A 193 4.51 -17.51 6.59
C VAL A 193 4.38 -18.78 7.46
N ILE A 194 5.40 -19.09 8.24
CA ILE A 194 5.34 -20.32 9.03
C ILE A 194 5.36 -19.96 10.52
N GLU A 195 4.75 -20.80 11.33
CA GLU A 195 4.66 -20.53 12.75
C GLU A 195 5.20 -21.76 13.50
N ASN A 196 5.79 -21.47 14.65
CA ASN A 196 6.25 -22.52 15.49
C ASN A 196 5.06 -23.25 16.15
N ASP A 197 5.25 -24.53 16.36
CA ASP A 197 4.20 -25.29 17.12
C ASP A 197 4.66 -25.76 18.48
N ASP A 198 3.75 -26.44 19.23
CA ASP A 198 4.13 -26.79 20.59
C ASP A 198 4.55 -28.22 20.74
N LYS A 199 4.64 -28.94 19.62
CA LYS A 199 4.99 -30.34 19.67
C LYS A 199 6.31 -30.74 18.99
N VAL A 200 6.64 -30.17 17.85
CA VAL A 200 7.77 -30.61 17.08
C VAL A 200 8.66 -29.50 16.56
N PHE A 201 8.05 -28.52 15.88
CA PHE A 201 8.86 -27.53 15.19
C PHE A 201 8.93 -26.20 15.97
N SER A 202 10.09 -25.95 16.54
CA SER A 202 10.31 -24.81 17.40
C SER A 202 10.62 -23.55 16.61
N VAL A 203 10.74 -22.43 17.26
CA VAL A 203 11.26 -21.20 16.63
C VAL A 203 12.59 -21.47 15.90
N LYS A 204 13.53 -22.14 16.58
CA LYS A 204 14.81 -22.46 15.97
C LYS A 204 14.63 -23.18 14.63
N ASP A 205 13.72 -24.14 14.60
CA ASP A 205 13.49 -24.93 13.36
C ASP A 205 12.90 -24.05 12.25
N CYS A 206 11.96 -23.18 12.64
CA CYS A 206 11.37 -22.24 11.65
C CYS A 206 12.41 -21.26 11.13
N LEU A 207 13.33 -20.85 11.98
CA LEU A 207 14.38 -19.90 11.55
C LEU A 207 15.30 -20.64 10.54
N TRP A 208 15.50 -21.96 10.72
CA TRP A 208 16.38 -22.72 9.80
C TRP A 208 15.73 -22.72 8.43
N ILE A 209 14.41 -22.95 8.39
CA ILE A 209 13.67 -22.88 7.13
C ILE A 209 13.77 -21.47 6.54
N SER A 210 13.50 -20.43 7.33
CA SER A 210 13.47 -19.07 6.81
C SER A 210 14.79 -18.71 6.18
N GLU A 211 15.92 -19.10 6.81
CA GLU A 211 17.23 -18.70 6.30
C GLU A 211 17.44 -19.18 4.85
N ARG A 212 16.84 -20.32 4.51
CA ARG A 212 17.02 -20.97 3.17
C ARG A 212 15.88 -20.63 2.22
N THR A 213 14.90 -19.82 2.64
CA THR A 213 13.70 -19.63 1.78
C THR A 213 13.24 -18.19 1.73
N GLY A 214 13.56 -17.39 2.75
CA GLY A 214 12.98 -16.06 2.86
C GLY A 214 11.57 -16.05 3.45
N ILE A 215 11.05 -17.19 3.91
CA ILE A 215 9.69 -17.25 4.55
C ILE A 215 9.68 -16.55 5.91
N PRO A 216 8.86 -15.55 6.11
CA PRO A 216 8.76 -14.98 7.52
C PRO A 216 8.18 -15.94 8.51
N VAL A 217 8.65 -15.82 9.74
CA VAL A 217 8.20 -16.61 10.84
C VAL A 217 7.24 -15.83 11.74
N ILE A 218 6.08 -16.41 11.92
CA ILE A 218 5.16 -15.88 12.97
C ILE A 218 5.50 -16.55 14.29
N PHE A 219 5.82 -15.72 15.28
CA PHE A 219 6.05 -16.22 16.66
C PHE A 219 4.77 -16.42 17.45
N ASP A 220 4.58 -17.59 17.97
CA ASP A 220 3.45 -17.91 18.84
C ASP A 220 4.00 -18.07 20.22
N ASN A 221 3.57 -17.16 21.10
CA ASN A 221 4.21 -17.11 22.43
C ASN A 221 3.87 -18.38 23.29
N LEU A 222 2.62 -18.84 23.27
CA LEU A 222 2.27 -20.00 24.12
C LEU A 222 3.04 -21.20 23.57
N HIS A 223 3.12 -21.35 22.23
CA HIS A 223 3.85 -22.50 21.73
C HIS A 223 5.31 -22.49 22.09
N HIS A 224 5.89 -21.31 22.00
CA HIS A 224 7.31 -21.17 22.38
C HIS A 224 7.51 -21.45 23.86
N SER A 225 6.58 -21.04 24.71
CA SER A 225 6.74 -21.25 26.14
C SER A 225 6.80 -22.77 26.38
N ILE A 226 6.09 -23.55 25.55
CA ILE A 226 6.00 -25.01 25.73
C ILE A 226 7.20 -25.76 25.09
N LEU A 227 7.63 -25.29 23.93
CA LEU A 227 8.64 -26.00 23.14
C LEU A 227 9.68 -24.96 22.67
N ASN A 228 10.87 -24.96 23.30
CA ASN A 228 11.85 -23.96 22.95
C ASN A 228 13.27 -24.50 23.12
N ASN A 229 14.25 -23.66 22.78
CA ASN A 229 15.65 -23.99 22.99
C ASN A 229 16.25 -22.97 23.92
N GLY A 230 15.48 -22.54 24.92
CA GLY A 230 15.99 -21.60 25.95
C GLY A 230 15.97 -20.13 25.67
N GLU A 231 15.50 -19.74 24.49
CA GLU A 231 15.44 -18.32 24.16
C GLU A 231 14.42 -17.58 24.97
N SER A 232 14.80 -16.42 25.53
CA SER A 232 13.80 -15.52 26.07
C SER A 232 12.83 -15.01 25.00
N LEU A 233 11.70 -14.47 25.48
CA LEU A 233 10.68 -13.81 24.64
C LEU A 233 11.38 -12.78 23.81
N ASN A 234 12.22 -11.95 24.44
CA ASN A 234 12.83 -10.89 23.65
C ASN A 234 13.80 -11.34 22.60
N ASP A 235 14.60 -12.37 22.89
CA ASP A 235 15.58 -12.85 21.95
C ASP A 235 14.84 -13.55 20.79
N ALA A 236 13.79 -14.30 21.10
CA ALA A 236 13.11 -15.01 20.04
C ALA A 236 12.42 -14.03 19.17
N LEU A 237 11.78 -13.01 19.73
CA LEU A 237 11.22 -11.94 18.93
CA LEU A 237 11.21 -11.94 18.90
C LEU A 237 12.23 -11.23 18.01
N SER A 238 13.40 -10.93 18.53
CA SER A 238 14.35 -10.21 17.78
C SER A 238 14.78 -11.05 16.58
N LEU A 239 14.97 -12.35 16.82
CA LEU A 239 15.35 -13.29 15.76
C LEU A 239 14.26 -13.34 14.67
N VAL A 240 13.03 -13.53 15.09
CA VAL A 240 11.96 -13.63 14.13
C VAL A 240 11.70 -12.32 13.38
N ARG A 241 11.91 -11.14 14.06
CA ARG A 241 11.78 -9.84 13.31
C ARG A 241 12.60 -9.71 12.02
N ARG A 242 13.82 -10.22 12.02
CA ARG A 242 14.71 -10.15 10.88
C ARG A 242 14.20 -10.99 9.67
N THR A 243 13.19 -11.86 9.88
CA THR A 243 12.64 -12.64 8.79
C THR A 243 11.53 -11.95 8.07
N TRP A 244 11.15 -10.75 8.54
CA TRP A 244 10.07 -9.97 7.89
C TRP A 244 10.65 -8.80 7.17
N LYS A 245 10.04 -8.46 6.04
CA LYS A 245 10.48 -7.21 5.40
C LYS A 245 9.67 -6.04 5.97
N ASP A 246 8.44 -6.36 6.40
CA ASP A 246 7.53 -5.36 6.99
C ASP A 246 7.36 -5.64 8.51
N ARG A 247 6.34 -5.08 9.15
CA ARG A 247 6.17 -5.32 10.53
C ARG A 247 5.81 -6.83 10.78
N PRO A 248 6.44 -7.45 11.77
CA PRO A 248 6.05 -8.86 12.08
C PRO A 248 4.68 -9.03 12.58
N MET A 249 4.12 -10.22 12.34
CA MET A 249 2.92 -10.65 13.04
C MET A 249 3.30 -11.57 14.10
N ILE A 250 2.64 -11.49 15.28
CA ILE A 250 2.81 -12.49 16.31
C ILE A 250 1.44 -13.05 16.71
N ASP A 251 1.41 -14.30 17.14
CA ASP A 251 0.19 -14.94 17.69
C ASP A 251 0.25 -14.98 19.19
N TYR A 252 -0.68 -14.30 19.87
CA TYR A 252 -0.67 -14.23 21.31
C TYR A 252 -1.74 -15.17 21.86
N SER A 253 -1.33 -16.03 22.75
CA SER A 253 -2.28 -16.83 23.53
C SER A 253 -1.78 -17.09 24.90
N GLU A 254 -2.66 -17.71 25.70
CA GLU A 254 -2.28 -18.08 27.06
C GLU A 254 -2.82 -19.45 27.35
N GLN A 255 -2.24 -20.07 28.36
CA GLN A 255 -2.69 -21.33 28.82
C GLN A 255 -4.02 -21.20 29.56
N GLU A 256 -5.04 -22.02 29.19
CA GLU A 256 -6.27 -22.08 30.07
C GLU A 256 -5.95 -22.81 31.39
N PRO A 257 -6.23 -22.16 32.51
CA PRO A 257 -5.90 -22.78 33.79
C PRO A 257 -6.64 -24.09 33.94
N GLY A 258 -5.95 -25.12 34.46
CA GLY A 258 -6.65 -26.37 34.66
C GLY A 258 -6.68 -27.31 33.50
N GLU A 259 -6.26 -26.85 32.31
CA GLU A 259 -6.32 -27.67 31.09
C GLU A 259 -4.93 -28.18 30.75
N LYS A 260 -4.88 -29.10 29.82
CA LYS A 260 -3.66 -29.71 29.35
C LYS A 260 -2.81 -28.63 28.70
N PRO A 261 -1.50 -28.83 28.69
CA PRO A 261 -0.63 -27.77 28.08
C PRO A 261 -0.94 -27.52 26.68
N GLY A 262 -1.12 -26.24 26.37
CA GLY A 262 -1.37 -25.80 25.03
C GLY A 262 -2.82 -25.50 24.71
N VAL A 263 -3.73 -25.90 25.58
CA VAL A 263 -5.13 -25.53 25.40
C VAL A 263 -5.25 -24.04 25.58
N HIS A 264 -5.85 -23.40 24.57
CA HIS A 264 -5.90 -21.91 24.55
C HIS A 264 -6.93 -21.37 25.57
N ALA A 265 -6.55 -20.28 26.22
CA ALA A 265 -7.37 -19.62 27.18
C ALA A 265 -8.70 -19.15 26.58
N THR A 266 -9.70 -19.12 27.50
CA THR A 266 -11.03 -18.69 27.07
C THR A 266 -11.10 -17.15 27.02
N THR A 267 -10.09 -16.48 27.59
CA THR A 267 -10.01 -15.00 27.46
C THR A 267 -8.59 -14.62 27.85
N ILE A 268 -8.14 -13.44 27.45
CA ILE A 268 -6.80 -13.02 27.87
C ILE A 268 -6.86 -12.54 29.32
N ASN A 269 -5.73 -12.73 30.01
CA ASN A 269 -5.58 -12.15 31.33
C ASN A 269 -4.83 -10.80 31.20
N GLU A 270 -5.47 -9.77 31.72
CA GLU A 270 -4.92 -8.43 31.46
C GLU A 270 -3.51 -8.29 32.02
N GLU A 271 -3.23 -8.86 33.19
CA GLU A 271 -1.87 -8.68 33.70
C GLU A 271 -0.84 -9.46 32.87
N ASN A 272 -1.19 -10.66 32.40
CA ASN A 272 -0.30 -11.44 31.52
C ASN A 272 -0.06 -10.64 30.23
N PHE A 273 -1.13 -10.07 29.68
CA PHE A 273 -0.99 -9.33 28.44
C PHE A 273 -0.12 -8.11 28.61
N ARG A 274 -0.38 -7.40 29.72
CA ARG A 274 0.49 -6.24 30.03
C ARG A 274 1.95 -6.67 30.15
N ARG A 275 2.26 -7.79 30.78
CA ARG A 275 3.65 -8.19 30.92
C ARG A 275 4.27 -8.50 29.57
N PHE A 276 3.47 -9.09 28.67
CA PHE A 276 3.94 -9.35 27.34
C PHE A 276 4.22 -8.06 26.55
N VAL A 277 3.27 -7.16 26.54
CA VAL A 277 3.44 -5.99 25.64
C VAL A 277 4.57 -5.08 26.19
N ASN A 278 4.80 -5.12 27.51
CA ASN A 278 5.77 -4.15 28.06
CA ASN A 278 5.86 -4.32 28.18
C ASN A 278 7.16 -4.53 27.53
N GLU A 279 7.30 -5.73 27.00
CA GLU A 279 8.53 -6.29 26.44
C GLU A 279 8.71 -6.01 24.94
N VAL A 280 7.62 -5.69 24.26
CA VAL A 280 7.55 -5.77 22.80
C VAL A 280 7.06 -4.42 22.17
N ASP A 281 7.42 -4.15 20.92
CA ASP A 281 6.79 -3.07 20.15
C ASP A 281 6.94 -3.30 18.69
N GLU A 282 6.18 -2.56 17.90
CA GLU A 282 6.34 -2.59 16.46
C GLU A 282 6.04 -4.00 15.92
N VAL A 283 4.88 -4.52 16.31
CA VAL A 283 4.42 -5.89 15.92
C VAL A 283 2.92 -5.86 15.88
N ASP A 284 2.31 -6.61 14.98
CA ASP A 284 0.83 -6.80 14.94
C ASP A 284 0.46 -8.08 15.67
N ILE A 285 -0.41 -7.97 16.65
CA ILE A 285 -0.68 -9.05 17.61
C ILE A 285 -2.06 -9.70 17.31
N MET A 286 -2.03 -11.00 16.95
CA MET A 286 -3.31 -11.71 16.71
C MET A 286 -3.69 -12.48 17.94
N LEU A 287 -4.80 -12.15 18.58
CA LEU A 287 -5.24 -12.88 19.78
C LEU A 287 -5.91 -14.17 19.53
N GLU A 288 -5.32 -15.26 19.99
CA GLU A 288 -5.94 -16.58 19.73
C GLU A 288 -6.49 -17.11 21.05
N VAL A 289 -7.60 -16.47 21.38
CA VAL A 289 -8.31 -16.88 22.63
C VAL A 289 -9.79 -17.04 22.26
N LYS A 290 -10.52 -17.74 23.13
CA LYS A 290 -11.78 -18.22 22.65
C LYS A 290 -12.87 -17.14 22.67
N ASP A 291 -12.68 -16.05 23.43
CA ASP A 291 -13.73 -14.98 23.37
C ASP A 291 -13.46 -13.86 22.37
N LYS A 292 -12.46 -14.07 21.50
CA LYS A 292 -12.41 -13.28 20.20
C LYS A 292 -12.47 -11.78 20.46
N GLU A 293 -13.47 -11.11 19.92
CA GLU A 293 -13.48 -9.63 19.98
C GLU A 293 -13.51 -9.08 21.44
N ILE A 294 -14.02 -9.87 22.39
CA ILE A 294 -14.09 -9.38 23.79
C ILE A 294 -12.62 -9.22 24.33
N SER A 295 -11.72 -10.18 24.03
CA SER A 295 -10.36 -10.00 24.34
C SER A 295 -9.69 -8.91 23.51
N ALA A 296 -10.10 -8.72 22.24
CA ALA A 296 -9.51 -7.67 21.44
C ALA A 296 -9.84 -6.31 22.04
N LEU A 297 -11.05 -6.19 22.60
CA LEU A 297 -11.39 -4.93 23.31
C LEU A 297 -10.55 -4.71 24.53
N LYS A 298 -10.24 -5.79 25.28
CA LYS A 298 -9.43 -5.64 26.50
C LYS A 298 -8.04 -5.23 26.02
N ALA A 299 -7.53 -5.85 24.91
CA ALA A 299 -6.18 -5.49 24.51
C ALA A 299 -6.05 -4.04 23.99
N VAL A 300 -7.08 -3.55 23.25
CA VAL A 300 -7.05 -2.17 22.74
C VAL A 300 -6.98 -1.22 23.97
N LYS A 301 -7.75 -1.54 24.98
CA LYS A 301 -7.80 -0.70 26.22
C LYS A 301 -6.41 -0.64 26.87
N VAL A 302 -5.71 -1.78 26.97
CA VAL A 302 -4.34 -1.82 27.55
C VAL A 302 -3.40 -1.03 26.66
N LEU A 303 -3.45 -1.26 25.36
CA LEU A 303 -2.46 -0.63 24.47
C LEU A 303 -2.62 0.88 24.44
N LYS A 304 -3.86 1.37 24.57
CA LYS A 304 -4.11 2.82 24.52
C LYS A 304 -3.48 3.40 25.78
N GLU A 305 -3.69 2.71 26.89
CA GLU A 305 -3.13 3.16 28.16
C GLU A 305 -1.62 3.21 28.16
N LEU A 306 -1.00 2.27 27.46
CA LEU A 306 0.44 2.21 27.35
C LEU A 306 1.00 3.02 26.17
N ASN A 307 0.15 3.81 25.50
CA ASN A 307 0.54 4.58 24.30
C ASN A 307 1.23 3.75 23.24
N LYS A 308 0.78 2.52 23.11
CA LYS A 308 1.34 1.61 22.12
C LYS A 308 0.33 1.15 21.13
N LEU A 309 -0.83 1.79 21.07
CA LEU A 309 -1.83 1.40 20.07
C LEU A 309 -1.63 2.07 18.72
N HIS B 21 13.39 2.15 1.31
CA HIS B 21 11.92 2.23 1.09
C HIS B 21 11.54 3.57 0.44
N MET B 22 12.33 3.92 -0.57
CA MET B 22 12.04 5.10 -1.41
C MET B 22 11.85 4.73 -2.89
N ARG B 23 11.02 5.48 -3.61
CA ARG B 23 10.97 5.30 -5.04
C ARG B 23 11.54 6.65 -5.57
N VAL B 24 12.12 6.59 -6.74
CA VAL B 24 12.69 7.79 -7.46
C VAL B 24 11.85 8.05 -8.71
N GLY B 25 11.59 9.36 -8.98
CA GLY B 25 10.88 9.78 -10.21
C GLY B 25 11.63 10.86 -10.93
N TYR B 26 11.21 11.07 -12.20
CA TYR B 26 11.65 12.28 -12.92
C TYR B 26 10.42 12.76 -13.73
N VAL B 27 10.60 13.86 -14.45
CA VAL B 27 9.47 14.64 -14.93
C VAL B 27 9.32 14.60 -16.47
N SER B 28 8.12 14.28 -16.91
CA SER B 28 7.57 14.58 -18.30
C SER B 28 8.12 13.83 -19.53
N THR B 29 9.43 13.67 -19.65
CA THR B 29 9.98 12.99 -20.81
C THR B 29 11.39 12.50 -20.48
N ASN B 30 11.92 11.71 -21.39
CA ASN B 30 13.21 11.05 -21.15
C ASN B 30 14.04 11.45 -22.42
N TYR B 31 15.13 12.12 -22.20
CA TYR B 31 15.90 12.57 -23.38
C TYR B 31 16.68 11.42 -24.03
N SER B 32 17.18 10.53 -23.21
CA SER B 32 18.01 9.40 -23.66
C SER B 32 17.28 8.50 -24.61
N LEU B 33 16.01 8.29 -24.36
CA LEU B 33 15.21 7.40 -25.11
C LEU B 33 14.82 7.97 -26.46
N GLY B 34 14.75 9.27 -26.61
CA GLY B 34 14.40 9.79 -27.92
C GLY B 34 12.95 9.71 -28.47
N CYS B 35 11.95 9.09 -27.78
CA CYS B 35 10.51 9.41 -28.16
C CYS B 35 10.11 10.52 -27.17
N LYS B 36 9.76 11.65 -27.75
CA LYS B 36 9.20 12.73 -26.92
C LYS B 36 7.72 12.55 -26.49
N ALA B 37 7.50 12.64 -25.15
CA ALA B 37 6.16 12.38 -24.59
C ALA B 37 5.44 13.67 -24.28
N ASP B 38 6.12 14.81 -24.50
CA ASP B 38 5.56 16.11 -24.07
C ASP B 38 5.40 17.12 -25.22
N LYS B 39 5.14 16.60 -26.44
CA LYS B 39 4.87 17.40 -27.62
C LYS B 39 3.55 18.19 -27.48
N THR B 40 3.52 19.44 -27.92
CA THR B 40 2.23 20.11 -27.98
C THR B 40 1.93 20.66 -29.39
N ILE B 41 0.86 21.43 -29.50
CA ILE B 41 0.34 22.02 -30.75
C ILE B 41 0.14 23.52 -30.50
N LYS B 42 0.38 24.32 -31.52
CA LYS B 42 -0.02 25.75 -31.41
C LYS B 42 -1.52 25.91 -31.51
N LEU B 43 -2.06 26.91 -30.84
CA LEU B 43 -3.50 27.15 -30.95
C LEU B 43 -3.95 27.23 -32.41
N SER B 44 -3.15 27.89 -33.26
CA SER B 44 -3.59 28.25 -34.63
C SER B 44 -3.97 26.96 -35.36
N SER B 45 -3.39 25.86 -34.88
CA SER B 45 -3.44 24.58 -35.53
C SER B 45 -4.28 23.50 -34.82
N LEU B 46 -5.09 23.92 -33.86
CA LEU B 46 -6.03 23.01 -33.17
C LEU B 46 -6.98 22.33 -34.19
N SER B 47 -6.91 21.03 -34.32
CA SER B 47 -7.90 20.31 -35.11
C SER B 47 -7.98 18.86 -34.60
N GLU B 48 -9.12 18.19 -34.82
CA GLU B 48 -9.24 16.79 -34.42
C GLU B 48 -8.03 15.95 -34.94
N GLU B 49 -7.66 16.05 -36.20
CA GLU B 49 -6.55 15.27 -36.81
CA GLU B 49 -6.59 15.20 -36.74
C GLU B 49 -5.25 15.43 -36.02
N ARG B 50 -4.90 16.68 -35.77
CA ARG B 50 -3.60 16.98 -35.20
C ARG B 50 -3.58 16.57 -33.72
N VAL B 51 -4.67 16.87 -33.00
CA VAL B 51 -4.76 16.44 -31.58
C VAL B 51 -4.61 14.94 -31.44
N LEU B 52 -5.27 14.21 -32.32
CA LEU B 52 -5.21 12.77 -32.21
C LEU B 52 -3.85 12.25 -32.60
N LYS B 53 -3.21 12.84 -33.61
CA LYS B 53 -1.88 12.35 -33.97
C LYS B 53 -0.85 12.61 -32.86
N VAL B 54 -0.86 13.83 -32.33
CA VAL B 54 0.15 14.18 -31.31
C VAL B 54 -0.14 13.48 -29.96
N SER B 55 -1.42 13.36 -29.61
CA SER B 55 -1.75 12.57 -28.39
C SER B 55 -1.29 11.15 -28.55
N SER B 56 -1.56 10.54 -29.73
CA SER B 56 -1.13 9.17 -29.89
C SER B 56 0.40 9.06 -29.82
N SER B 57 1.14 9.99 -30.42
CA SER B 57 2.57 9.78 -30.36
C SER B 57 3.14 10.05 -28.96
N ASN B 58 2.56 11.05 -28.27
CA ASN B 58 2.96 11.25 -26.86
C ASN B 58 2.70 10.02 -26.00
N LEU B 59 1.51 9.41 -26.19
CA LEU B 59 1.12 8.27 -25.37
C LEU B 59 1.95 7.02 -25.66
N LEU B 60 2.29 6.82 -26.92
CA LEU B 60 3.21 5.70 -27.27
CA LEU B 60 3.22 5.72 -27.28
C LEU B 60 4.57 5.92 -26.59
N CYS B 61 5.04 7.17 -26.64
CA CYS B 61 6.30 7.49 -25.93
C CYS B 61 6.17 7.28 -24.44
N LEU B 62 5.05 7.72 -23.87
CA LEU B 62 4.84 7.53 -22.43
C LEU B 62 4.85 6.07 -22.06
N LYS B 63 4.25 5.20 -22.89
CA LYS B 63 4.32 3.79 -22.57
C LYS B 63 5.76 3.34 -22.65
N ASN B 64 6.49 3.83 -23.66
CA ASN B 64 7.88 3.34 -23.80
C ASN B 64 8.73 3.88 -22.63
N ILE B 65 8.48 5.13 -22.21
CA ILE B 65 9.20 5.61 -21.00
C ILE B 65 8.92 4.78 -19.74
N LEU B 66 7.64 4.42 -19.52
CA LEU B 66 7.28 3.64 -18.32
C LEU B 66 7.99 2.30 -18.31
N GLU B 67 8.02 1.66 -19.48
CA GLU B 67 8.76 0.42 -19.64
C GLU B 67 10.22 0.63 -19.32
N TRP B 68 10.84 1.67 -19.84
CA TRP B 68 12.24 1.86 -19.59
C TRP B 68 12.47 2.11 -18.12
N ASN B 69 11.58 2.92 -17.55
CA ASN B 69 11.68 3.23 -16.12
C ASN B 69 11.65 1.98 -15.25
N LEU B 70 10.69 1.11 -15.50
CA LEU B 70 10.61 -0.12 -14.69
C LEU B 70 11.93 -0.88 -14.87
N LYS B 71 12.47 -0.94 -16.09
CA LYS B 71 13.75 -1.71 -16.28
C LYS B 71 14.92 -1.10 -15.48
N HIS B 72 14.83 0.22 -15.21
CA HIS B 72 15.89 0.97 -14.53
C HIS B 72 15.54 1.32 -13.11
N GLU B 73 14.53 0.64 -12.58
CA GLU B 73 14.13 0.72 -11.17
C GLU B 73 13.70 2.15 -10.77
N ILE B 74 13.01 2.80 -11.71
CA ILE B 74 12.48 4.17 -11.49
C ILE B 74 10.96 3.99 -11.45
N LEU B 75 10.41 4.09 -10.25
CA LEU B 75 8.99 3.64 -10.01
C LEU B 75 8.02 4.81 -9.69
N PHE B 76 8.49 6.01 -10.02
CA PHE B 76 7.61 7.24 -9.82
C PHE B 76 7.80 8.07 -11.13
N PHE B 77 6.75 8.76 -11.58
CA PHE B 77 6.88 9.55 -12.83
C PHE B 77 5.83 10.66 -12.81
N ARG B 78 6.24 11.82 -13.29
CA ARG B 78 5.26 12.94 -13.45
C ARG B 78 4.90 13.03 -14.89
N ILE B 79 3.65 12.61 -15.23
CA ILE B 79 3.18 12.66 -16.59
C ILE B 79 3.05 14.11 -17.09
N SER B 80 3.56 14.35 -18.29
CA SER B 80 3.45 15.68 -18.91
C SER B 80 2.01 16.18 -19.02
N SER B 81 1.80 17.45 -18.68
CA SER B 81 0.49 18.13 -18.96
C SER B 81 0.24 18.29 -20.45
N ASN B 82 1.27 18.15 -21.31
CA ASN B 82 1.05 18.24 -22.77
C ASN B 82 0.54 16.95 -23.38
N THR B 83 0.35 15.89 -22.59
CA THR B 83 -0.02 14.53 -23.10
C THR B 83 -1.15 14.63 -24.16
N ILE B 84 -2.24 15.33 -23.82
CA ILE B 84 -3.32 15.61 -24.82
C ILE B 84 -3.23 17.11 -25.09
N PRO B 85 -2.63 17.53 -26.22
CA PRO B 85 -2.42 18.97 -26.36
C PRO B 85 -3.67 19.81 -26.42
N LEU B 86 -3.67 20.97 -25.71
CA LEU B 86 -4.80 21.91 -25.73
C LEU B 86 -6.11 21.41 -25.19
N ALA B 87 -6.08 20.32 -24.38
CA ALA B 87 -7.30 19.67 -23.96
C ALA B 87 -8.27 20.49 -23.17
N SER B 88 -7.74 21.45 -22.38
CA SER B 88 -8.71 22.29 -21.63
C SER B 88 -9.13 23.61 -22.32
N HIS B 89 -8.72 23.80 -23.58
CA HIS B 89 -9.04 25.06 -24.27
C HIS B 89 -10.51 25.06 -24.65
N PRO B 90 -11.16 26.25 -24.52
CA PRO B 90 -12.60 26.40 -24.87
C PRO B 90 -12.97 25.95 -26.27
N LYS B 91 -12.02 26.07 -27.17
CA LYS B 91 -12.19 25.64 -28.58
C LYS B 91 -11.95 24.13 -28.82
N PHE B 92 -11.44 23.40 -27.81
CA PHE B 92 -11.11 22.02 -27.98
C PHE B 92 -12.33 21.18 -27.78
N HIS B 93 -12.61 20.38 -28.82
CA HIS B 93 -13.76 19.45 -28.77
C HIS B 93 -13.53 18.04 -29.23
N VAL B 94 -12.31 17.57 -29.11
CA VAL B 94 -11.92 16.27 -29.53
C VAL B 94 -12.29 15.13 -28.53
N ASN B 95 -12.85 14.02 -29.02
CA ASN B 95 -13.30 12.95 -28.11
C ASN B 95 -12.21 11.97 -27.86
N TRP B 96 -11.16 12.45 -27.17
CA TRP B 96 -9.99 11.59 -26.99
C TRP B 96 -10.21 10.46 -26.02
N LYS B 97 -11.11 10.70 -25.06
CA LYS B 97 -11.33 9.68 -24.06
C LYS B 97 -11.90 8.45 -24.72
N ASP B 98 -12.77 8.60 -25.74
CA ASP B 98 -13.20 7.36 -26.45
C ASP B 98 -12.16 6.89 -27.47
N LYS B 99 -11.70 7.81 -28.32
CA LYS B 99 -10.82 7.40 -29.38
C LYS B 99 -9.51 6.73 -28.96
N LEU B 100 -8.91 7.25 -27.87
CA LEU B 100 -7.71 6.69 -27.38
C LEU B 100 -7.88 5.78 -26.16
N SER B 101 -9.07 5.23 -25.96
CA SER B 101 -9.31 4.49 -24.72
C SER B 101 -8.37 3.28 -24.56
N HIS B 102 -8.05 2.63 -25.69
CA HIS B 102 -7.14 1.46 -25.75
C HIS B 102 -5.79 1.78 -25.17
N ILE B 103 -5.07 2.77 -25.72
CA ILE B 103 -3.71 2.99 -25.25
C ILE B 103 -3.77 3.56 -23.79
N LEU B 104 -4.79 4.41 -23.52
CA LEU B 104 -4.94 4.98 -22.16
C LEU B 104 -5.14 3.88 -21.14
N GLY B 105 -5.98 2.92 -21.48
CA GLY B 105 -6.18 1.83 -20.52
C GLY B 105 -4.93 0.97 -20.33
N ASP B 106 -4.22 0.71 -21.42
CA ASP B 106 -3.04 -0.12 -21.45
C ASP B 106 -1.97 0.54 -20.54
N ILE B 107 -1.78 1.86 -20.69
CA ILE B 107 -0.75 2.52 -19.88
C ILE B 107 -1.19 2.43 -18.38
N GLY B 108 -2.46 2.71 -18.06
CA GLY B 108 -2.94 2.60 -16.66
C GLY B 108 -2.76 1.19 -16.09
N ASP B 109 -3.03 0.20 -16.94
CA ASP B 109 -2.77 -1.19 -16.50
C ASP B 109 -1.34 -1.41 -16.21
N PHE B 110 -0.43 -0.85 -17.03
CA PHE B 110 1.01 -1.07 -16.76
C PHE B 110 1.43 -0.40 -15.44
N ILE B 111 0.88 0.78 -15.22
CA ILE B 111 1.23 1.50 -14.02
C ILE B 111 0.75 0.74 -12.77
N LYS B 112 -0.47 0.23 -12.82
CA LYS B 112 -1.07 -0.48 -11.65
C LYS B 112 -0.34 -1.82 -11.41
N GLU B 113 -0.10 -2.56 -12.50
CA GLU B 113 0.55 -3.91 -12.44
C GLU B 113 1.95 -3.82 -11.86
N ASN B 114 2.59 -2.67 -12.03
CA ASN B 114 3.99 -2.51 -11.69
C ASN B 114 4.23 -1.50 -10.55
N SER B 115 3.15 -1.09 -9.89
CA SER B 115 3.18 -0.27 -8.65
C SER B 115 3.94 1.05 -8.92
N ILE B 116 3.68 1.66 -10.09
CA ILE B 116 4.36 2.91 -10.39
C ILE B 116 3.51 4.01 -9.81
N ARG B 117 4.16 4.95 -9.12
CA ARG B 117 3.38 6.09 -8.59
C ARG B 117 3.40 7.23 -9.59
N ILE B 118 2.29 7.98 -9.64
CA ILE B 118 2.14 9.03 -10.68
C ILE B 118 1.70 10.35 -10.08
N SER B 119 2.40 11.38 -10.55
CA SER B 119 1.91 12.77 -10.33
C SER B 119 1.84 13.53 -11.64
N MET B 120 1.09 14.63 -11.55
CA MET B 120 1.10 15.62 -12.64
C MET B 120 1.13 16.99 -11.97
N HIS B 121 1.68 17.98 -12.69
CA HIS B 121 1.78 19.42 -12.21
C HIS B 121 1.37 20.32 -13.33
N PRO B 122 0.15 20.87 -13.32
CA PRO B 122 -0.29 21.76 -14.38
C PRO B 122 0.53 23.03 -14.48
N GLY B 123 1.23 23.42 -13.43
CA GLY B 123 2.07 24.64 -13.56
C GLY B 123 1.35 25.97 -13.42
N GLN B 124 2.11 27.03 -13.76
CA GLN B 124 1.76 28.36 -13.38
C GLN B 124 0.43 28.85 -13.88
N TYR B 125 -0.08 28.38 -15.01
CA TYR B 125 -1.33 29.01 -15.34
C TYR B 125 -2.58 28.51 -14.58
N VAL B 126 -2.41 27.46 -13.78
CA VAL B 126 -3.47 27.17 -12.82
C VAL B 126 -3.27 28.03 -11.59
N VAL B 127 -4.31 28.85 -11.34
CA VAL B 127 -4.31 29.74 -10.18
C VAL B 127 -5.67 29.58 -9.54
N LEU B 128 -5.77 28.56 -8.69
CA LEU B 128 -7.08 28.18 -8.15
C LEU B 128 -7.64 29.29 -7.24
N ASN B 129 -6.75 30.10 -6.62
CA ASN B 129 -7.18 31.14 -5.69
C ASN B 129 -7.06 32.56 -6.32
N SER B 130 -7.09 32.60 -7.66
CA SER B 130 -7.17 33.91 -8.35
C SER B 130 -8.33 34.73 -7.86
N VAL B 131 -8.13 36.05 -7.83
CA VAL B 131 -9.26 36.93 -7.64
C VAL B 131 -10.17 37.10 -8.84
N ARG B 132 -9.67 36.65 -9.99
CA ARG B 132 -10.39 36.90 -11.25
C ARG B 132 -11.21 35.65 -11.58
N GLU B 133 -12.54 35.84 -11.66
CA GLU B 133 -13.42 34.64 -11.89
C GLU B 133 -13.07 33.85 -13.14
N GLU B 134 -12.69 34.53 -14.20
CA GLU B 134 -12.37 33.80 -15.44
C GLU B 134 -11.09 32.94 -15.27
N VAL B 135 -10.15 33.42 -14.45
CA VAL B 135 -8.90 32.69 -14.24
C VAL B 135 -9.24 31.45 -13.42
N VAL B 136 -10.10 31.61 -12.42
CA VAL B 136 -10.51 30.41 -11.62
C VAL B 136 -11.17 29.41 -12.55
N ARG B 137 -12.07 29.87 -13.43
CA ARG B 137 -12.78 28.99 -14.31
C ARG B 137 -11.83 28.25 -15.25
N SER B 138 -10.92 28.97 -15.85
CA SER B 138 -9.96 28.26 -16.74
C SER B 138 -9.02 27.30 -16.02
N SER B 139 -8.69 27.71 -14.81
CA SER B 139 -7.80 26.86 -13.98
C SER B 139 -8.52 25.55 -13.65
N ILE B 140 -9.81 25.65 -13.31
CA ILE B 140 -10.61 24.43 -13.03
C ILE B 140 -10.76 23.55 -14.28
N MET B 141 -10.93 24.16 -15.47
CA MET B 141 -10.92 23.42 -16.75
C MET B 141 -9.64 22.66 -16.95
N GLU B 142 -8.52 23.34 -16.63
CA GLU B 142 -7.26 22.61 -16.78
C GLU B 142 -7.12 21.47 -15.75
N LEU B 143 -7.54 21.74 -14.49
CA LEU B 143 -7.55 20.64 -13.49
C LEU B 143 -8.46 19.47 -13.87
N LYS B 144 -9.60 19.82 -14.47
CA LYS B 144 -10.50 18.76 -14.95
C LYS B 144 -9.89 17.89 -16.03
N TYR B 145 -9.14 18.52 -16.93
CA TYR B 145 -8.40 17.69 -17.91
C TYR B 145 -7.43 16.74 -17.23
N HIS B 146 -6.68 17.26 -16.26
CA HIS B 146 -5.74 16.37 -15.54
C HIS B 146 -6.45 15.20 -14.88
N ALA B 147 -7.55 15.46 -14.17
CA ALA B 147 -8.36 14.39 -13.55
C ALA B 147 -8.92 13.51 -14.62
N ASP B 148 -9.35 14.06 -15.74
CA ASP B 148 -9.91 13.17 -16.81
C ASP B 148 -8.88 12.26 -17.41
N LEU B 149 -7.63 12.77 -17.53
CA LEU B 149 -6.58 11.93 -18.09
C LEU B 149 -6.29 10.75 -17.16
N LEU B 150 -6.18 11.02 -15.86
CA LEU B 150 -5.83 10.03 -14.93
C LEU B 150 -7.03 9.06 -14.80
N ASP B 151 -8.27 9.59 -14.85
CA ASP B 151 -9.45 8.67 -14.81
C ASP B 151 -9.45 7.75 -16.05
N SER B 152 -9.11 8.27 -17.22
CA SER B 152 -9.08 7.46 -18.48
C SER B 152 -8.07 6.37 -18.39
N MET B 153 -7.04 6.54 -17.54
CA MET B 153 -6.00 5.51 -17.43
C MET B 153 -6.44 4.51 -16.36
N GLY B 154 -7.46 4.89 -15.57
CA GLY B 154 -7.89 4.03 -14.45
C GLY B 154 -7.02 3.98 -13.24
N ILE B 155 -6.27 5.07 -13.02
CA ILE B 155 -5.33 5.16 -11.95
C ILE B 155 -5.74 6.33 -11.02
N GLU B 156 -5.14 6.39 -9.85
CA GLU B 156 -5.45 7.51 -8.93
C GLU B 156 -4.50 8.64 -9.25
N GLY B 157 -3.33 8.61 -8.66
CA GLY B 157 -2.33 9.62 -8.98
C GLY B 157 -2.65 10.97 -8.29
N LYS B 158 -1.66 11.84 -8.14
CA LYS B 158 -1.86 13.16 -7.53
C LYS B 158 -1.66 14.31 -8.53
N ILE B 159 -2.46 15.37 -8.35
CA ILE B 159 -2.32 16.61 -9.18
C ILE B 159 -1.79 17.64 -8.21
N GLN B 160 -0.54 18.09 -8.45
CA GLN B 160 0.16 19.00 -7.55
C GLN B 160 0.09 20.43 -8.07
N ILE B 161 -0.27 21.33 -7.19
CA ILE B 161 -0.30 22.77 -7.56
C ILE B 161 0.35 23.60 -6.45
N HIS B 162 0.87 24.79 -6.85
CA HIS B 162 1.20 25.82 -5.82
C HIS B 162 -0.06 26.44 -5.35
N VAL B 163 0.01 27.19 -4.22
CA VAL B 163 -1.17 27.86 -3.72
C VAL B 163 -1.71 28.89 -4.72
N GLY B 164 -0.79 29.56 -5.44
CA GLY B 164 -1.33 30.48 -6.40
C GLY B 164 -0.89 31.91 -6.23
N SER B 165 -1.88 32.76 -6.30
CA SER B 165 -1.67 34.19 -6.20
C SER B 165 -1.57 34.63 -4.73
N SER B 166 -0.95 35.78 -4.56
CA SER B 166 -0.97 36.41 -3.27
C SER B 166 -1.66 37.75 -3.36
N MET B 167 -2.49 37.97 -4.40
CA MET B 167 -3.14 39.29 -4.58
C MET B 167 -3.97 39.59 -3.33
N ASN B 168 -3.88 40.83 -2.83
CA ASN B 168 -4.66 41.27 -1.65
C ASN B 168 -4.18 40.70 -0.26
N GLY B 169 -2.99 40.11 -0.27
CA GLY B 169 -2.36 39.66 0.95
C GLY B 169 -2.40 38.13 1.07
N LYS B 170 -1.43 37.65 1.79
CA LYS B 170 -1.42 36.25 2.17
C LYS B 170 -2.73 35.70 2.84
N GLU B 171 -3.21 36.29 3.95
CA GLU B 171 -4.42 35.83 4.60
C GLU B 171 -5.60 35.66 3.63
N GLU B 172 -5.85 36.71 2.84
CA GLU B 172 -7.00 36.68 1.91
C GLU B 172 -6.76 35.61 0.86
N SER B 173 -5.54 35.52 0.42
CA SER B 173 -5.17 34.56 -0.62
C SER B 173 -5.32 33.09 -0.16
N LEU B 174 -4.99 32.81 1.09
CA LEU B 174 -5.23 31.49 1.67
C LEU B 174 -6.71 31.14 1.80
N ASN B 175 -7.51 32.14 2.27
CA ASN B 175 -8.91 32.02 2.27
C ASN B 175 -9.57 31.76 0.92
N ARG B 176 -9.08 32.45 -0.12
CA ARG B 176 -9.67 32.25 -1.45
C ARG B 176 -9.32 30.86 -1.92
N PHE B 177 -8.13 30.37 -1.56
CA PHE B 177 -7.75 29.03 -2.00
C PHE B 177 -8.72 27.98 -1.41
N ILE B 178 -8.99 28.07 -0.10
CA ILE B 178 -9.88 27.08 0.50
C ILE B 178 -11.30 27.21 -0.04
N GLU B 179 -11.79 28.43 -0.23
CA GLU B 179 -13.13 28.60 -0.74
C GLU B 179 -13.30 27.99 -2.13
N ASN B 180 -12.30 28.24 -2.97
CA ASN B 180 -12.36 27.73 -4.36
C ASN B 180 -12.12 26.22 -4.41
N PHE B 181 -11.22 25.72 -3.56
CA PHE B 181 -11.02 24.26 -3.44
C PHE B 181 -12.35 23.55 -3.15
N ARG B 182 -13.13 24.16 -2.23
CA ARG B 182 -14.39 23.48 -1.76
C ARG B 182 -15.49 23.48 -2.83
N LYS B 183 -15.22 24.17 -3.93
CA LYS B 183 -16.16 24.16 -5.06
C LYS B 183 -15.74 23.08 -6.10
N LEU B 184 -14.62 22.43 -5.91
CA LEU B 184 -14.16 21.53 -6.96
C LEU B 184 -15.01 20.23 -7.05
N PRO B 185 -15.15 19.63 -8.24
CA PRO B 185 -15.70 18.26 -8.30
C PRO B 185 -14.77 17.23 -7.59
N SER B 186 -15.34 16.17 -7.01
CA SER B 186 -14.53 15.15 -6.30
C SER B 186 -13.40 14.55 -7.13
N ASN B 187 -13.62 14.37 -8.42
CA ASN B 187 -12.49 13.72 -9.15
C ASN B 187 -11.20 14.58 -9.22
N ILE B 188 -11.34 15.88 -9.01
CA ILE B 188 -10.16 16.72 -8.89
C ILE B 188 -9.77 16.84 -7.45
N SER B 189 -10.74 17.13 -6.56
CA SER B 189 -10.37 17.40 -5.17
C SER B 189 -9.68 16.24 -4.48
N LYS B 190 -10.07 15.00 -4.80
CA LYS B 190 -9.48 13.90 -4.07
C LYS B 190 -8.05 13.64 -4.48
N ARG B 191 -7.63 14.23 -5.61
CA ARG B 191 -6.26 14.02 -6.13
C ARG B 191 -5.35 15.16 -5.85
N LEU B 192 -5.91 16.27 -5.37
CA LEU B 192 -5.07 17.51 -5.31
C LEU B 192 -4.10 17.44 -4.13
N VAL B 193 -2.88 17.98 -4.37
CA VAL B 193 -1.88 18.17 -3.35
C VAL B 193 -1.31 19.52 -3.57
N ILE B 194 -0.80 20.13 -2.48
CA ILE B 194 -0.23 21.51 -2.70
C ILE B 194 1.24 21.52 -2.27
N GLU B 195 2.02 22.36 -2.90
CA GLU B 195 3.42 22.38 -2.61
C GLU B 195 3.81 23.79 -2.15
N ASN B 196 4.82 23.83 -1.33
CA ASN B 196 5.42 25.06 -0.90
C ASN B 196 6.22 25.76 -1.98
N ASP B 197 6.20 27.11 -2.02
CA ASP B 197 6.96 27.81 -3.06
C ASP B 197 8.08 28.62 -2.42
N ASP B 198 8.98 29.21 -3.21
CA ASP B 198 10.13 29.88 -2.60
C ASP B 198 9.97 31.40 -2.43
N LYS B 199 8.76 31.91 -2.73
CA LYS B 199 8.43 33.37 -2.73
C LYS B 199 7.43 33.73 -1.67
N VAL B 200 6.32 32.97 -1.58
CA VAL B 200 5.21 33.40 -0.74
C VAL B 200 4.70 32.35 0.25
N PHE B 201 4.33 31.18 -0.26
CA PHE B 201 3.65 30.24 0.57
C PHE B 201 4.61 29.17 1.06
N SER B 202 4.86 29.23 2.36
CA SER B 202 5.82 28.36 2.98
C SER B 202 5.19 26.98 3.32
N VAL B 203 5.99 26.10 3.85
CA VAL B 203 5.44 24.82 4.44
C VAL B 203 4.37 25.15 5.50
N LYS B 204 4.67 26.12 6.35
CA LYS B 204 3.76 26.49 7.39
C LYS B 204 2.41 26.89 6.77
N ASP B 205 2.42 27.69 5.70
CA ASP B 205 1.16 28.15 5.10
C ASP B 205 0.45 26.94 4.48
N CYS B 206 1.21 26.01 3.87
CA CYS B 206 0.53 24.85 3.25
C CYS B 206 -0.11 23.95 4.36
N LEU B 207 0.56 23.84 5.49
CA LEU B 207 0.06 23.03 6.67
C LEU B 207 -1.24 23.68 7.16
N TRP B 208 -1.31 24.98 7.12
CA TRP B 208 -2.56 25.68 7.56
C TRP B 208 -3.72 25.36 6.64
N ILE B 209 -3.48 25.35 5.34
CA ILE B 209 -4.50 24.99 4.38
C ILE B 209 -4.85 23.50 4.65
N SER B 210 -3.82 22.67 4.79
CA SER B 210 -4.06 21.21 4.91
C SER B 210 -4.96 20.92 6.15
N GLU B 211 -4.74 21.62 7.25
CA GLU B 211 -5.49 21.35 8.47
C GLU B 211 -7.00 21.52 8.25
N ARG B 212 -7.39 22.44 7.37
CA ARG B 212 -8.79 22.86 7.16
C ARG B 212 -9.42 22.13 5.97
N THR B 213 -8.63 21.29 5.26
CA THR B 213 -9.12 20.70 4.00
C THR B 213 -8.80 19.24 3.80
N GLY B 214 -7.76 18.77 4.50
CA GLY B 214 -7.29 17.38 4.23
C GLY B 214 -6.41 17.25 2.99
N ILE B 215 -6.00 18.35 2.39
CA ILE B 215 -5.12 18.27 1.21
C ILE B 215 -3.68 17.91 1.65
N PRO B 216 -3.10 16.81 1.08
CA PRO B 216 -1.72 16.50 1.43
C PRO B 216 -0.74 17.58 0.90
N VAL B 217 0.36 17.78 1.64
CA VAL B 217 1.33 18.74 1.23
C VAL B 217 2.59 18.07 0.64
N ILE B 218 3.02 18.49 -0.55
CA ILE B 218 4.32 18.03 -1.13
C ILE B 218 5.38 18.97 -0.62
N PHE B 219 6.33 18.40 0.10
CA PHE B 219 7.51 19.17 0.51
C PHE B 219 8.52 19.36 -0.60
N ASP B 220 8.90 20.61 -0.90
CA ASP B 220 9.95 20.84 -1.88
C ASP B 220 11.17 21.38 -1.11
N ASN B 221 12.27 20.62 -1.12
CA ASN B 221 13.40 20.95 -0.29
C ASN B 221 14.10 22.25 -0.61
N LEU B 222 14.31 22.52 -1.87
CA LEU B 222 14.99 23.78 -2.25
C LEU B 222 14.10 24.95 -1.84
N HIS B 223 12.81 24.82 -2.11
CA HIS B 223 11.93 25.98 -1.79
C HIS B 223 11.96 26.22 -0.31
N HIS B 224 11.91 25.15 0.47
CA HIS B 224 11.91 25.27 1.96
C HIS B 224 13.23 25.88 2.43
N SER B 225 14.31 25.52 1.74
CA SER B 225 15.60 26.11 2.19
C SER B 225 15.63 27.62 1.95
N ILE B 226 14.90 28.09 0.94
CA ILE B 226 14.85 29.53 0.60
C ILE B 226 13.85 30.26 1.51
N LEU B 227 12.66 29.62 1.74
CA LEU B 227 11.58 30.32 2.45
C LEU B 227 11.05 29.38 3.52
N ASN B 228 11.25 29.70 4.77
CA ASN B 228 10.83 28.82 5.85
C ASN B 228 10.61 29.64 7.13
N ASN B 229 10.18 28.96 8.17
CA ASN B 229 9.93 29.49 9.50
C ASN B 229 10.85 28.78 10.50
N GLY B 230 12.04 28.49 10.02
CA GLY B 230 13.08 27.89 10.86
C GLY B 230 12.95 26.39 11.15
N GLU B 231 12.08 25.66 10.43
CA GLU B 231 11.93 24.21 10.69
C GLU B 231 13.09 23.46 10.08
N SER B 232 13.73 22.55 10.83
CA SER B 232 14.69 21.63 10.15
C SER B 232 14.06 20.79 9.07
N LEU B 233 14.93 20.20 8.25
CA LEU B 233 14.45 19.25 7.25
C LEU B 233 13.64 18.18 7.95
N ASN B 234 14.23 17.60 9.01
CA ASN B 234 13.52 16.59 9.74
C ASN B 234 12.19 17.00 10.30
N ASP B 235 12.13 18.16 10.96
CA ASP B 235 10.86 18.59 11.56
C ASP B 235 9.80 18.94 10.50
N ALA B 236 10.25 19.57 9.43
CA ALA B 236 9.33 19.90 8.34
C ALA B 236 8.76 18.62 7.73
N LEU B 237 9.63 17.61 7.49
CA LEU B 237 9.12 16.36 6.89
C LEU B 237 8.14 15.64 7.79
N SER B 238 8.45 15.66 9.08
CA SER B 238 7.58 15.02 10.09
C SER B 238 6.17 15.64 10.07
N LEU B 239 6.12 16.97 10.03
CA LEU B 239 4.86 17.69 9.88
C LEU B 239 4.10 17.39 8.63
N VAL B 240 4.82 17.42 7.52
CA VAL B 240 4.13 17.16 6.23
C VAL B 240 3.65 15.69 6.13
N ARG B 241 4.37 14.75 6.74
CA ARG B 241 3.99 13.37 6.63
C ARG B 241 2.56 13.10 7.20
N ARG B 242 2.14 13.87 8.20
CA ARG B 242 0.83 13.71 8.86
C ARG B 242 -0.26 14.11 7.91
N THR B 243 0.09 14.79 6.82
CA THR B 243 -0.96 15.19 5.88
C THR B 243 -1.29 14.18 4.78
N TRP B 244 -0.60 13.05 4.78
CA TRP B 244 -0.75 12.00 3.78
C TRP B 244 -1.37 10.78 4.43
N LYS B 245 -2.26 10.15 3.68
CA LYS B 245 -2.78 8.84 4.15
C LYS B 245 -1.83 7.70 3.84
N ASP B 246 -1.20 7.81 2.67
CA ASP B 246 -0.18 6.87 2.19
C ASP B 246 1.23 7.51 2.23
N ARG B 247 2.16 7.01 1.45
CA ARG B 247 3.51 7.52 1.56
C ARG B 247 3.60 8.95 0.91
N PRO B 248 4.30 9.88 1.56
CA PRO B 248 4.41 11.26 1.01
C PRO B 248 5.18 11.26 -0.28
N MET B 249 4.86 12.22 -1.15
CA MET B 249 5.72 12.58 -2.27
C MET B 249 6.51 13.79 -1.84
N ILE B 250 7.79 13.87 -2.20
CA ILE B 250 8.60 15.06 -2.01
C ILE B 250 9.24 15.49 -3.36
N ASP B 251 9.55 16.76 -3.48
CA ASP B 251 10.17 17.20 -4.71
C ASP B 251 11.62 17.58 -4.38
N TYR B 252 12.59 16.96 -5.03
CA TYR B 252 14.00 17.22 -4.65
C TYR B 252 14.63 18.04 -5.76
N SER B 253 15.29 19.10 -5.36
CA SER B 253 16.11 19.82 -6.30
C SER B 253 17.25 20.43 -5.55
N GLU B 254 18.15 20.98 -6.33
CA GLU B 254 19.31 21.69 -5.74
C GLU B 254 19.49 23.03 -6.52
N GLN B 255 20.18 23.92 -5.85
CA GLN B 255 20.52 25.22 -6.46
C GLN B 255 21.55 25.03 -7.53
N GLU B 256 21.33 25.61 -8.72
CA GLU B 256 22.41 25.68 -9.71
C GLU B 256 23.45 26.69 -9.27
N PRO B 257 24.71 26.26 -9.11
CA PRO B 257 25.72 27.21 -8.62
C PRO B 257 25.83 28.37 -9.60
N GLY B 258 26.01 29.56 -9.06
CA GLY B 258 26.22 30.72 -9.93
C GLY B 258 24.95 31.42 -10.40
N GLU B 259 23.80 30.81 -10.12
CA GLU B 259 22.49 31.30 -10.62
C GLU B 259 21.75 31.94 -9.49
N LYS B 260 20.65 32.60 -9.80
CA LYS B 260 19.91 33.29 -8.77
C LYS B 260 19.21 32.24 -7.90
N PRO B 261 18.91 32.61 -6.63
CA PRO B 261 18.23 31.63 -5.74
C PRO B 261 16.97 31.02 -6.33
N GLY B 262 16.91 29.71 -6.19
CA GLY B 262 15.82 28.96 -6.74
C GLY B 262 15.95 28.36 -8.10
N VAL B 263 16.94 28.80 -8.91
CA VAL B 263 17.07 28.25 -10.26
C VAL B 263 17.52 26.77 -10.06
N HIS B 264 16.82 25.84 -10.71
CA HIS B 264 17.08 24.37 -10.51
C HIS B 264 18.36 23.90 -11.14
N ALA B 265 19.05 23.02 -10.43
CA ALA B 265 20.31 22.53 -10.90
C ALA B 265 20.14 21.77 -12.23
N THR B 266 21.22 21.75 -13.02
CA THR B 266 21.19 21.02 -14.28
C THR B 266 21.41 19.49 -14.15
N THR B 267 21.89 19.11 -12.96
CA THR B 267 21.96 17.68 -12.59
C THR B 267 22.03 17.62 -11.04
N ILE B 268 21.67 16.42 -10.49
CA ILE B 268 21.85 16.29 -9.02
C ILE B 268 23.30 16.02 -8.67
N ASN B 269 23.71 16.45 -7.49
CA ASN B 269 25.04 16.14 -7.02
C ASN B 269 24.90 14.92 -6.15
N GLU B 270 25.65 13.87 -6.48
CA GLU B 270 25.53 12.58 -5.74
C GLU B 270 25.72 12.75 -4.26
N GLU B 271 26.75 13.47 -3.87
CA GLU B 271 27.04 13.62 -2.44
C GLU B 271 25.95 14.38 -1.70
N ASN B 272 25.46 15.47 -2.28
CA ASN B 272 24.34 16.21 -1.71
C ASN B 272 23.09 15.32 -1.63
N PHE B 273 22.82 14.56 -2.70
CA PHE B 273 21.67 13.66 -2.62
C PHE B 273 21.79 12.58 -1.56
N ARG B 274 22.99 12.00 -1.49
CA ARG B 274 23.32 11.00 -0.46
C ARG B 274 23.00 11.56 0.91
N ARG B 275 23.43 12.79 1.15
CA ARG B 275 23.27 13.41 2.46
C ARG B 275 21.76 13.60 2.75
N PHE B 276 21.02 14.08 1.75
CA PHE B 276 19.57 14.16 1.84
C PHE B 276 18.89 12.82 2.21
N VAL B 277 19.09 11.81 1.41
CA VAL B 277 18.39 10.54 1.60
C VAL B 277 18.81 9.82 2.91
N ASN B 278 19.97 10.15 3.43
CA ASN B 278 20.38 9.63 4.74
C ASN B 278 19.53 10.20 5.88
N GLU B 279 19.02 11.41 5.71
CA GLU B 279 18.16 12.04 6.72
C GLU B 279 16.68 11.66 6.59
N VAL B 280 16.30 10.98 5.52
CA VAL B 280 14.88 10.74 5.26
C VAL B 280 14.61 9.28 4.92
N ASP B 281 13.35 8.86 5.00
CA ASP B 281 12.95 7.54 4.53
C ASP B 281 11.45 7.48 4.30
N GLU B 282 10.98 6.43 3.65
CA GLU B 282 9.58 6.16 3.38
C GLU B 282 8.91 7.37 2.68
N VAL B 283 9.50 7.75 1.55
CA VAL B 283 8.98 8.88 0.74
C VAL B 283 9.26 8.50 -0.69
N ASP B 284 8.45 9.00 -1.60
CA ASP B 284 8.70 8.89 -3.05
C ASP B 284 9.27 10.27 -3.48
N ILE B 285 10.41 10.21 -4.12
CA ILE B 285 11.18 11.47 -4.42
C ILE B 285 11.18 11.80 -5.96
N MET B 286 10.55 12.93 -6.32
CA MET B 286 10.56 13.41 -7.70
C MET B 286 11.72 14.38 -7.91
N LEU B 287 12.59 14.01 -8.82
CA LEU B 287 13.79 14.86 -9.07
C LEU B 287 13.43 15.97 -10.04
N GLU B 288 13.59 17.23 -9.58
CA GLU B 288 13.26 18.35 -10.44
C GLU B 288 14.60 18.97 -10.82
N VAL B 289 15.20 18.37 -11.85
CA VAL B 289 16.51 18.81 -12.34
C VAL B 289 16.53 18.63 -13.85
N LYS B 290 17.42 19.39 -14.49
CA LYS B 290 17.20 19.52 -15.93
C LYS B 290 17.61 18.35 -16.75
N ASP B 291 18.44 17.46 -16.19
CA ASP B 291 18.85 16.29 -17.01
C ASP B 291 17.94 15.05 -16.77
N LYS B 292 16.85 15.19 -15.97
CA LYS B 292 15.76 14.19 -16.02
C LYS B 292 16.26 12.78 -15.67
N GLU B 293 16.12 11.88 -16.60
CA GLU B 293 16.41 10.43 -16.35
C GLU B 293 17.91 10.23 -15.98
N ILE B 294 18.82 11.10 -16.42
CA ILE B 294 20.24 10.91 -16.09
C ILE B 294 20.42 11.10 -14.58
N SER B 295 19.75 12.09 -14.01
CA SER B 295 19.82 12.20 -12.56
C SER B 295 19.02 11.08 -11.87
N ALA B 296 17.92 10.58 -12.49
CA ALA B 296 17.18 9.48 -11.84
C ALA B 296 18.10 8.26 -11.77
N LEU B 297 18.91 8.04 -12.78
CA LEU B 297 19.87 6.92 -12.70
C LEU B 297 20.87 7.15 -11.60
N LYS B 298 21.35 8.39 -11.43
CA LYS B 298 22.30 8.64 -10.33
C LYS B 298 21.61 8.34 -8.98
N ALA B 299 20.38 8.83 -8.86
CA ALA B 299 19.64 8.59 -7.61
C ALA B 299 19.41 7.11 -7.26
N VAL B 300 19.04 6.31 -8.25
CA VAL B 300 18.87 4.85 -8.11
C VAL B 300 20.19 4.30 -7.59
N LYS B 301 21.29 4.77 -8.13
CA LYS B 301 22.59 4.16 -7.75
C LYS B 301 22.85 4.49 -6.27
N VAL B 302 22.57 5.74 -5.85
CA VAL B 302 22.85 6.12 -4.46
C VAL B 302 21.91 5.36 -3.52
N LEU B 303 20.63 5.27 -3.85
CA LEU B 303 19.66 4.58 -3.01
C LEU B 303 20.01 3.11 -2.86
N LYS B 304 20.55 2.54 -3.93
CA LYS B 304 20.94 1.11 -3.91
C LYS B 304 22.13 0.97 -2.97
N GLU B 305 23.10 1.87 -3.06
CA GLU B 305 24.29 1.81 -2.15
C GLU B 305 23.86 1.86 -0.68
N LEU B 306 22.83 2.64 -0.39
CA LEU B 306 22.22 2.73 0.93
C LEU B 306 21.22 1.63 1.31
N ASN B 307 20.92 0.71 0.40
CA ASN B 307 19.85 -0.30 0.59
C ASN B 307 18.51 0.34 0.93
N LYS B 308 18.22 1.43 0.25
CA LYS B 308 17.03 2.23 0.52
C LYS B 308 16.11 2.40 -0.69
N LEU B 309 16.30 1.57 -1.72
CA LEU B 309 15.52 1.59 -2.92
C LEU B 309 14.44 0.49 -2.94
N ASP B 310 13.16 0.81 -3.14
CA ASP B 310 12.19 -0.29 -3.37
C ASP B 310 12.44 -1.04 -4.69
#